data_8TSK
#
_entry.id   8TSK
#
_cell.length_a   48.536
_cell.length_b   69.025
_cell.length_c   93.790
_cell.angle_alpha   90.00
_cell.angle_beta   94.52
_cell.angle_gamma   90.00
#
_symmetry.space_group_name_H-M   'P 1 21 1'
#
loop_
_entity.id
_entity.type
_entity.pdbx_description
1 polymer 'Lipoyl synthase, mitochondrial'
2 non-polymer 'IRON/SULFUR CLUSTER'
3 non-polymer METHIONINE
4 non-polymer "5'-DEOXYADENOSINE"
5 non-polymer LYSINE
6 non-polymer 'OCTANOIC ACID (CAPRYLIC ACID)'
7 water water
#
_entity_poly.entity_id   1
_entity_poly.type   'polypeptide(L)'
_entity_poly.pdbx_seq_one_letter_code
;MSLRCGDAARTLGPRVFGRYFCSPVRPLSSLPDKKKELLQNGPDLQDFVSGDLADRSTWDEYKGNLKRQKGERLRLPPWL
KTEIPMGKNYNKLKNTLRNLNLHTVCEEARCPNIGECWGGGEYATATATIMLMGDTCTRGCRFCSVKTARNPPPLDASEP
YNTAKAIAEWGLDYVVLTSVDRDDMPDGGAEHIAKTVSYLKERNPKILVECLTPDFRGDLKAIEKVALSGLDVYAHNVET
VPELQSKVRDPRANFDQSLRVLKHAKKVQPDVISKTSIMLGLGENDEQVYATMKALREADVDCLTLGQYMQPTRRHLKVE
EYITPEKFKYWEKVGNELGFHYTASGPLVRSSYKAGEFFLKNLVAKRK
;
_entity_poly.pdbx_strand_id   A,B
#
loop_
_chem_comp.id
_chem_comp.type
_chem_comp.name
_chem_comp.formula
5AD non-polymer 5'-DEOXYADENOSINE 'C10 H13 N5 O3'
OCA non-polymer 'OCTANOIC ACID (CAPRYLIC ACID)' 'C8 H16 O2'
SF4 non-polymer 'IRON/SULFUR CLUSTER' 'Fe4 S4'
#
# COMPACT_ATOMS: atom_id res chain seq x y z
N ARG A 75 -12.84 13.03 -8.68
CA ARG A 75 -12.25 14.35 -8.59
C ARG A 75 -12.53 15.01 -7.22
N LEU A 76 -11.46 15.31 -6.49
CA LEU A 76 -11.57 15.89 -5.15
C LEU A 76 -12.38 17.18 -5.18
N PRO A 77 -13.08 17.51 -4.09
CA PRO A 77 -13.74 18.81 -4.01
C PRO A 77 -12.70 19.92 -4.04
N PRO A 78 -13.08 21.11 -4.49
CA PRO A 78 -12.07 22.16 -4.73
C PRO A 78 -11.39 22.66 -3.47
N TRP A 79 -11.96 22.42 -2.29
CA TRP A 79 -11.33 22.85 -1.05
C TRP A 79 -10.21 21.91 -0.63
N LEU A 80 -9.91 20.89 -1.41
CA LEU A 80 -8.81 19.97 -1.15
C LEU A 80 -7.67 20.10 -2.14
N LYS A 81 -7.74 21.08 -3.04
CA LYS A 81 -6.66 21.36 -3.97
C LYS A 81 -5.83 22.53 -3.43
N LYS A 88 8.31 34.29 -0.57
CA LYS A 88 9.69 34.58 -0.21
C LYS A 88 10.14 33.67 0.92
N ASN A 89 9.25 33.46 1.90
CA ASN A 89 9.57 32.61 3.04
C ASN A 89 9.78 31.16 2.61
N TYR A 90 8.93 30.66 1.71
CA TYR A 90 9.03 29.27 1.29
C TYR A 90 10.32 29.02 0.50
N ASN A 91 10.62 29.90 -0.46
CA ASN A 91 11.82 29.70 -1.26
C ASN A 91 13.08 29.82 -0.42
N LYS A 92 13.06 30.73 0.57
CA LYS A 92 14.18 30.84 1.49
C LYS A 92 14.41 29.53 2.26
N LEU A 93 13.34 28.91 2.76
CA LEU A 93 13.45 27.62 3.43
C LEU A 93 13.86 26.51 2.45
N LYS A 94 13.28 26.50 1.25
CA LYS A 94 13.61 25.48 0.26
C LYS A 94 15.06 25.55 -0.20
N ASN A 95 15.56 26.77 -0.48
CA ASN A 95 16.95 26.91 -0.91
C ASN A 95 17.93 26.47 0.18
N THR A 96 17.61 26.80 1.44
CA THR A 96 18.49 26.39 2.54
C THR A 96 18.47 24.87 2.73
N LEU A 97 17.30 24.24 2.57
CA LEU A 97 17.17 22.80 2.77
C LEU A 97 17.92 22.01 1.69
N ARG A 98 18.16 22.60 0.52
CA ARG A 98 18.76 21.86 -0.59
C ARG A 98 20.18 21.41 -0.26
N ASN A 99 20.88 22.12 0.61
CA ASN A 99 22.27 21.83 0.92
C ASN A 99 22.45 20.93 2.15
N LEU A 100 21.41 20.74 2.95
CA LEU A 100 21.51 20.00 4.20
C LEU A 100 20.99 18.59 4.02
N ASN A 101 21.67 17.62 4.63
CA ASN A 101 21.22 16.24 4.60
C ASN A 101 20.02 16.07 5.52
N LEU A 102 18.88 16.59 5.07
CA LEU A 102 17.65 16.53 5.85
C LEU A 102 16.50 16.29 4.88
N HIS A 103 15.61 15.40 5.27
CA HIS A 103 14.52 15.00 4.41
C HIS A 103 13.24 14.98 5.24
N THR A 104 12.17 15.54 4.68
CA THR A 104 10.97 15.83 5.42
C THR A 104 9.80 14.97 4.94
N VAL A 105 8.78 14.87 5.77
CA VAL A 105 7.52 14.29 5.30
C VAL A 105 6.76 15.32 4.46
N CYS A 106 7.00 16.61 4.70
CA CYS A 106 6.38 17.66 3.88
C CYS A 106 6.55 17.40 2.38
N GLU A 107 7.79 17.19 1.94
CA GLU A 107 8.02 16.97 0.51
C GLU A 107 7.93 15.52 0.10
N GLU A 108 8.38 14.59 0.96
CA GLU A 108 8.32 13.16 0.66
C GLU A 108 6.95 12.56 0.98
N ALA A 109 5.95 13.41 1.18
CA ALA A 109 4.55 13.04 1.08
C ALA A 109 3.81 13.92 0.09
N ARG A 110 4.48 14.87 -0.55
CA ARG A 110 3.86 15.83 -1.45
CA ARG A 110 3.86 15.83 -1.45
C ARG A 110 2.68 16.53 -0.77
N CYS A 111 2.93 17.03 0.44
CA CYS A 111 1.87 17.58 1.26
C CYS A 111 1.32 18.88 0.67
N PRO A 112 0.00 19.01 0.53
CA PRO A 112 -0.58 20.23 -0.05
C PRO A 112 -0.44 21.48 0.81
N ASN A 113 0.19 21.39 1.99
CA ASN A 113 0.24 22.51 2.93
C ASN A 113 1.63 23.16 3.03
N ILE A 114 2.61 22.68 2.26
CA ILE A 114 4.00 23.15 2.43
C ILE A 114 4.12 24.65 2.21
N GLY A 115 3.31 25.22 1.31
CA GLY A 115 3.33 26.67 1.15
C GLY A 115 2.89 27.40 2.39
N GLU A 116 1.96 26.82 3.16
CA GLU A 116 1.46 27.45 4.37
C GLU A 116 2.42 27.25 5.54
N CYS A 117 2.80 25.99 5.81
CA CYS A 117 3.62 25.70 6.98
C CYS A 117 4.99 26.32 6.88
N TRP A 118 5.57 26.34 5.68
CA TRP A 118 6.92 26.84 5.46
C TRP A 118 6.90 28.36 5.27
N GLY A 119 6.55 29.06 6.36
CA GLY A 119 6.73 30.50 6.45
C GLY A 119 5.59 31.37 5.96
N GLY A 120 4.51 30.77 5.45
CA GLY A 120 3.45 31.56 4.84
C GLY A 120 2.28 31.91 5.73
N GLY A 121 2.44 31.79 7.05
CA GLY A 121 1.37 32.07 7.99
C GLY A 121 1.40 33.51 8.48
N GLU A 122 0.53 33.79 9.46
CA GLU A 122 0.46 35.12 10.03
C GLU A 122 1.78 35.53 10.67
N TYR A 123 2.30 34.69 11.56
CA TYR A 123 3.58 34.97 12.22
C TYR A 123 4.78 34.66 11.33
N ALA A 124 4.54 34.08 10.15
CA ALA A 124 5.60 33.70 9.21
C ALA A 124 6.55 32.67 9.81
N THR A 125 6.04 31.83 10.71
CA THR A 125 6.87 30.79 11.30
C THR A 125 7.10 29.67 10.30
N ALA A 126 8.20 28.97 10.50
CA ALA A 126 8.51 27.78 9.71
C ALA A 126 8.25 26.55 10.56
N THR A 127 7.34 25.68 10.08
CA THR A 127 7.11 24.37 10.65
C THR A 127 7.35 23.31 9.57
N ALA A 128 7.94 22.19 9.97
CA ALA A 128 8.08 21.04 9.09
C ALA A 128 8.16 19.78 9.94
N THR A 129 8.07 18.62 9.29
CA THR A 129 7.99 17.32 9.96
C THR A 129 9.05 16.37 9.43
N ILE A 130 9.78 15.73 10.35
CA ILE A 130 10.84 14.77 10.06
C ILE A 130 10.43 13.43 10.67
N MET A 131 10.63 12.33 9.93
CA MET A 131 10.21 11.01 10.41
C MET A 131 11.43 10.16 10.76
N LEU A 132 11.58 9.83 12.04
CA LEU A 132 12.72 9.07 12.52
C LEU A 132 12.49 7.57 12.41
N MET A 133 13.59 6.81 12.52
CA MET A 133 13.63 5.35 12.64
C MET A 133 13.28 4.62 11.35
N GLY A 134 13.53 5.25 10.22
CA GLY A 134 13.44 4.59 8.93
C GLY A 134 12.16 4.93 8.20
N ASP A 135 12.01 4.32 7.02
CA ASP A 135 10.83 4.54 6.20
C ASP A 135 9.91 3.33 6.15
N THR A 136 10.09 2.37 7.04
CA THR A 136 9.29 1.15 7.05
C THR A 136 8.74 0.91 8.44
N CYS A 137 7.42 0.81 8.55
CA CYS A 137 6.73 0.66 9.83
C CYS A 137 6.38 -0.80 10.07
N THR A 138 6.40 -1.20 11.34
CA THR A 138 5.96 -2.55 11.69
C THR A 138 4.45 -2.72 11.65
N ARG A 139 3.69 -1.64 11.53
CA ARG A 139 2.23 -1.71 11.53
C ARG A 139 1.69 -1.40 10.14
N GLY A 140 0.42 -1.73 9.94
CA GLY A 140 -0.18 -1.56 8.63
C GLY A 140 -1.53 -0.87 8.67
N CYS A 141 -1.57 0.31 9.26
CA CYS A 141 -2.82 1.07 9.33
C CYS A 141 -3.35 1.33 7.92
N ARG A 142 -4.65 1.04 7.71
CA ARG A 142 -5.22 1.09 6.37
C ARG A 142 -5.48 2.50 5.86
N PHE A 143 -5.26 3.54 6.69
CA PHE A 143 -5.32 4.92 6.23
C PHE A 143 -3.96 5.48 5.85
N CYS A 144 -2.88 4.78 6.15
CA CYS A 144 -1.53 5.32 6.10
C CYS A 144 -0.75 4.73 4.94
N SER A 145 0.01 5.57 4.24
CA SER A 145 0.78 5.13 3.09
C SER A 145 2.20 4.72 3.42
N VAL A 146 2.64 4.84 4.68
CA VAL A 146 4.00 4.42 5.02
C VAL A 146 4.15 2.93 4.75
N LYS A 147 5.27 2.56 4.11
CA LYS A 147 5.57 1.16 3.84
C LYS A 147 5.64 0.35 5.13
N THR A 148 5.19 -0.91 5.05
CA THR A 148 5.16 -1.78 6.21
C THR A 148 5.94 -3.07 5.95
N ALA A 149 6.67 -3.52 6.97
CA ALA A 149 7.41 -4.78 6.94
C ALA A 149 7.63 -5.26 8.37
N ARG A 150 7.77 -6.57 8.53
CA ARG A 150 7.87 -7.16 9.87
C ARG A 150 9.21 -6.86 10.52
N ASN A 151 10.29 -6.83 9.73
CA ASN A 151 11.64 -6.68 10.25
C ASN A 151 12.31 -5.52 9.52
N PRO A 152 12.04 -4.29 9.94
CA PRO A 152 12.71 -3.13 9.35
C PRO A 152 14.18 -3.15 9.68
N PRO A 153 15.00 -2.39 8.95
CA PRO A 153 16.44 -2.34 9.25
C PRO A 153 16.70 -1.76 10.63
N PRO A 154 17.88 -2.00 11.19
CA PRO A 154 18.19 -1.45 12.52
C PRO A 154 18.26 0.07 12.49
N LEU A 155 18.16 0.65 13.69
CA LEU A 155 18.20 2.10 13.82
C LEU A 155 19.54 2.66 13.39
N ASP A 156 19.50 3.78 12.67
CA ASP A 156 20.72 4.53 12.34
C ASP A 156 21.15 5.28 13.59
N ALA A 157 22.22 4.82 14.23
CA ALA A 157 22.68 5.47 15.46
C ALA A 157 23.12 6.91 15.21
N SER A 158 23.39 7.28 13.96
CA SER A 158 23.79 8.63 13.62
C SER A 158 22.61 9.57 13.43
N GLU A 159 21.40 9.03 13.32
CA GLU A 159 20.24 9.86 13.01
C GLU A 159 19.95 10.94 14.06
N PRO A 160 20.00 10.67 15.37
CA PRO A 160 19.73 11.76 16.33
C PRO A 160 20.66 12.94 16.14
N TYR A 161 21.97 12.70 16.01
CA TYR A 161 22.90 13.80 15.83
C TYR A 161 22.71 14.48 14.49
N ASN A 162 22.57 13.69 13.42
CA ASN A 162 22.45 14.27 12.09
C ASN A 162 21.16 15.05 11.93
N THR A 163 20.05 14.54 12.47
CA THR A 163 18.78 15.23 12.36
C THR A 163 18.79 16.54 13.14
N ALA A 164 19.15 16.48 14.42
CA ALA A 164 19.12 17.67 15.26
C ALA A 164 20.07 18.73 14.75
N LYS A 165 21.21 18.31 14.20
CA LYS A 165 22.13 19.26 13.60
C LYS A 165 21.50 19.92 12.37
N ALA A 166 20.93 19.11 11.48
CA ALA A 166 20.36 19.65 10.24
C ALA A 166 19.16 20.56 10.49
N ILE A 167 18.37 20.27 11.52
CA ILE A 167 17.25 21.15 11.87
C ILE A 167 17.77 22.51 12.32
N ALA A 168 18.70 22.51 13.29
CA ALA A 168 19.22 23.77 13.83
C ALA A 168 19.86 24.62 12.73
N GLU A 169 20.51 23.98 11.75
CA GLU A 169 21.13 24.72 10.65
C GLU A 169 20.07 25.26 9.69
N TRP A 170 19.02 24.47 9.42
CA TRP A 170 17.93 24.90 8.55
C TRP A 170 17.20 26.12 9.11
N GLY A 171 17.29 26.37 10.41
CA GLY A 171 16.70 27.55 11.01
C GLY A 171 15.21 27.51 11.26
N LEU A 172 14.65 26.33 11.56
CA LEU A 172 13.21 26.20 11.79
C LEU A 172 12.79 26.90 13.07
N ASP A 173 11.49 27.22 13.15
CA ASP A 173 10.90 27.77 14.37
C ASP A 173 10.28 26.69 15.24
N TYR A 174 9.55 25.76 14.65
CA TYR A 174 8.82 24.70 15.35
C TYR A 174 8.98 23.45 14.52
N VAL A 175 9.49 22.38 15.14
CA VAL A 175 9.71 21.13 14.43
C VAL A 175 8.84 20.05 15.04
N VAL A 176 8.20 19.27 14.18
CA VAL A 176 7.49 18.07 14.59
C VAL A 176 8.40 16.90 14.26
N LEU A 177 8.92 16.26 15.28
CA LEU A 177 9.57 14.98 15.11
C LEU A 177 8.53 13.89 15.22
N THR A 178 8.46 13.01 14.23
CA THR A 178 7.62 11.83 14.37
C THR A 178 8.46 10.62 13.99
N SER A 179 7.82 9.47 13.83
CA SER A 179 8.55 8.24 13.54
C SER A 179 7.56 7.20 13.05
N VAL A 180 8.10 6.11 12.48
CA VAL A 180 7.31 4.91 12.25
C VAL A 180 7.18 4.22 13.60
N ASP A 181 6.28 3.24 13.71
CA ASP A 181 6.28 2.39 14.89
C ASP A 181 7.34 1.30 14.72
N ARG A 182 8.02 0.97 15.81
CA ARG A 182 9.06 -0.05 15.80
C ARG A 182 8.71 -1.09 16.86
N ASP A 183 7.70 -1.91 16.58
CA ASP A 183 7.32 -2.96 17.53
C ASP A 183 8.42 -4.01 17.70
N ASP A 184 9.44 -4.00 16.83
CA ASP A 184 10.58 -4.89 16.98
C ASP A 184 11.55 -4.45 18.06
N MET A 185 11.48 -3.19 18.50
CA MET A 185 12.32 -2.65 19.55
C MET A 185 11.64 -2.82 20.91
N PRO A 186 12.41 -3.21 21.94
CA PRO A 186 11.80 -3.38 23.27
C PRO A 186 11.19 -2.11 23.84
N ASP A 187 11.82 -0.95 23.61
CA ASP A 187 11.24 0.31 24.05
C ASP A 187 10.53 1.04 22.92
N GLY A 188 10.29 0.37 21.80
CA GLY A 188 9.60 0.98 20.67
C GLY A 188 10.31 2.17 20.08
N GLY A 189 11.60 2.33 20.37
CA GLY A 189 12.37 3.46 19.87
C GLY A 189 12.37 4.69 20.74
N ALA A 190 11.81 4.63 21.95
CA ALA A 190 11.67 5.83 22.78
C ALA A 190 13.03 6.48 23.07
N GLU A 191 14.04 5.67 23.37
CA GLU A 191 15.36 6.22 23.65
C GLU A 191 15.92 6.95 22.43
N HIS A 192 15.70 6.39 21.24
CA HIS A 192 16.13 7.02 20.00
C HIS A 192 15.44 8.38 19.82
N ILE A 193 14.13 8.42 20.03
CA ILE A 193 13.40 9.68 19.92
C ILE A 193 13.89 10.68 20.96
N ALA A 194 14.07 10.24 22.20
CA ALA A 194 14.50 11.16 23.25
C ALA A 194 15.87 11.74 22.98
N LYS A 195 16.80 10.91 22.49
CA LYS A 195 18.14 11.41 22.16
C LYS A 195 18.08 12.53 21.13
N THR A 196 17.16 12.42 20.16
CA THR A 196 17.06 13.45 19.12
C THR A 196 16.57 14.76 19.71
N VAL A 197 15.53 14.71 20.54
CA VAL A 197 15.05 15.91 21.23
C VAL A 197 16.17 16.55 22.04
N SER A 198 16.86 15.74 22.84
CA SER A 198 17.88 16.31 23.74
C SER A 198 19.01 16.96 22.95
N TYR A 199 19.46 16.33 21.85
CA TYR A 199 20.48 16.95 21.01
C TYR A 199 20.03 18.30 20.49
N LEU A 200 18.79 18.37 20.01
CA LEU A 200 18.31 19.61 19.39
C LEU A 200 18.17 20.72 20.42
N LYS A 201 17.64 20.41 21.61
CA LYS A 201 17.45 21.46 22.61
C LYS A 201 18.76 22.04 23.08
N GLU A 202 19.82 21.24 23.12
CA GLU A 202 21.12 21.77 23.52
C GLU A 202 21.69 22.69 22.43
N ARG A 203 21.46 22.37 21.16
CA ARG A 203 21.97 23.22 20.09
C ARG A 203 21.24 24.55 20.04
N ASN A 204 19.93 24.55 20.21
CA ASN A 204 19.15 25.77 20.06
C ASN A 204 17.88 25.69 20.90
N PRO A 205 17.88 26.19 22.13
CA PRO A 205 16.66 26.15 22.94
C PRO A 205 15.55 27.07 22.45
N LYS A 206 15.82 27.91 21.45
CA LYS A 206 14.77 28.74 20.86
C LYS A 206 13.83 27.95 19.97
N ILE A 207 14.21 26.73 19.54
CA ILE A 207 13.35 25.94 18.68
C ILE A 207 12.31 25.24 19.52
N LEU A 208 11.04 25.46 19.22
CA LEU A 208 9.99 24.66 19.81
C LEU A 208 10.03 23.26 19.20
N VAL A 209 9.90 22.23 20.05
CA VAL A 209 9.97 20.84 19.62
C VAL A 209 8.69 20.14 20.03
N GLU A 210 7.98 19.60 19.05
CA GLU A 210 6.87 18.70 19.26
C GLU A 210 7.29 17.30 18.83
N CYS A 211 6.93 16.29 19.60
CA CYS A 211 7.13 14.89 19.24
CA CYS A 211 7.13 14.92 19.18
C CYS A 211 5.78 14.24 19.06
N LEU A 212 5.50 13.74 17.85
CA LEU A 212 4.32 12.93 17.58
C LEU A 212 4.77 11.48 17.72
N THR A 213 4.42 10.84 18.85
CA THR A 213 5.06 9.56 19.17
C THR A 213 4.17 8.37 18.82
N PRO A 214 4.76 7.19 18.66
CA PRO A 214 4.00 5.94 18.70
C PRO A 214 3.32 5.76 20.06
N ASP A 215 2.45 4.75 20.15
CA ASP A 215 1.87 4.44 21.45
C ASP A 215 2.81 3.62 22.32
N PHE A 216 3.91 3.12 21.76
CA PHE A 216 4.88 2.27 22.47
C PHE A 216 4.18 1.06 23.11
N ARG A 217 3.05 0.67 22.54
CA ARG A 217 2.20 -0.42 23.05
C ARG A 217 1.80 -0.19 24.51
N GLY A 218 1.73 1.06 24.94
CA GLY A 218 1.33 1.38 26.29
C GLY A 218 2.44 1.32 27.33
N ASP A 219 3.68 1.04 26.92
CA ASP A 219 4.82 0.95 27.82
C ASP A 219 5.05 2.28 28.53
N LEU A 220 4.78 2.33 29.84
CA LEU A 220 4.86 3.59 30.57
C LEU A 220 6.28 4.12 30.65
N LYS A 221 7.27 3.23 30.77
CA LYS A 221 8.65 3.69 30.83
C LYS A 221 9.10 4.29 29.50
N ALA A 222 8.62 3.76 28.39
CA ALA A 222 8.94 4.34 27.09
C ALA A 222 8.31 5.72 26.93
N ILE A 223 7.03 5.84 27.30
CA ILE A 223 6.36 7.13 27.28
C ILE A 223 7.11 8.12 28.16
N GLU A 224 7.55 7.66 29.34
CA GLU A 224 8.24 8.53 30.29
C GLU A 224 9.55 9.06 29.70
N LYS A 225 10.30 8.19 29.01
CA LYS A 225 11.56 8.60 28.39
C LYS A 225 11.38 9.80 27.46
N VAL A 226 10.37 9.75 26.57
CA VAL A 226 10.13 10.86 25.66
C VAL A 226 9.59 12.08 26.41
N ALA A 227 8.65 11.85 27.33
CA ALA A 227 8.03 12.96 28.05
C ALA A 227 9.05 13.78 28.84
N LEU A 228 10.14 13.16 29.29
CA LEU A 228 11.18 13.84 30.04
C LEU A 228 12.31 14.35 29.17
N SER A 229 12.20 14.26 27.85
CA SER A 229 13.32 14.61 26.99
C SER A 229 13.50 16.11 26.80
N GLY A 230 12.59 16.93 27.32
CA GLY A 230 12.68 18.37 27.17
C GLY A 230 11.84 18.96 26.06
N LEU A 231 10.95 18.17 25.46
CA LEU A 231 10.09 18.64 24.39
C LEU A 231 9.07 19.65 24.92
N ASP A 232 8.57 20.49 24.01
CA ASP A 232 7.53 21.43 24.38
C ASP A 232 6.14 20.82 24.28
N VAL A 233 5.89 19.99 23.26
CA VAL A 233 4.57 19.42 22.99
C VAL A 233 4.71 17.93 22.82
N TYR A 234 3.93 17.16 23.57
CA TYR A 234 3.85 15.71 23.41
C TYR A 234 2.56 15.41 22.66
N ALA A 235 2.68 14.87 21.45
CA ALA A 235 1.52 14.53 20.64
C ALA A 235 1.45 13.02 20.43
N HIS A 236 0.23 12.50 20.42
CA HIS A 236 -0.03 11.12 20.03
C HIS A 236 -1.48 11.02 19.58
N ASN A 237 -1.71 10.40 18.43
CA ASN A 237 -3.01 10.49 17.76
C ASN A 237 -3.96 9.37 18.18
N VAL A 238 -5.23 9.73 18.37
CA VAL A 238 -6.27 8.72 18.43
C VAL A 238 -6.78 8.35 17.04
N GLU A 239 -6.58 9.21 16.04
CA GLU A 239 -6.90 9.01 14.62
C GLU A 239 -8.39 8.96 14.30
N THR A 240 -9.19 8.25 15.09
CA THR A 240 -10.62 8.15 14.81
C THR A 240 -11.36 7.89 16.12
N VAL A 241 -12.69 7.80 16.02
CA VAL A 241 -13.56 7.60 17.19
C VAL A 241 -13.40 6.17 17.69
N PRO A 242 -13.67 5.89 18.97
CA PRO A 242 -13.44 4.53 19.50
C PRO A 242 -14.10 3.44 18.67
N GLU A 243 -15.30 3.68 18.15
CA GLU A 243 -16.02 2.67 17.39
C GLU A 243 -15.31 2.24 16.12
N LEU A 244 -14.41 3.07 15.58
CA LEU A 244 -13.75 2.79 14.30
C LEU A 244 -12.28 2.42 14.46
N GLN A 245 -11.78 2.27 15.68
CA GLN A 245 -10.38 1.93 15.90
C GLN A 245 -9.98 0.64 15.18
N SER A 246 -10.81 -0.40 15.29
CA SER A 246 -10.43 -1.69 14.72
C SER A 246 -10.47 -1.67 13.20
N LYS A 247 -11.28 -0.79 12.60
CA LYS A 247 -11.33 -0.65 11.15
C LYS A 247 -10.16 0.19 10.62
N VAL A 248 -9.85 1.29 11.30
CA VAL A 248 -8.97 2.31 10.76
C VAL A 248 -7.50 2.05 11.08
N ARG A 249 -7.22 1.51 12.26
CA ARG A 249 -5.85 1.40 12.74
C ARG A 249 -5.41 -0.06 12.80
N ASP A 250 -4.10 -0.23 12.77
CA ASP A 250 -3.48 -1.53 13.03
C ASP A 250 -3.99 -2.10 14.35
N PRO A 251 -4.24 -3.40 14.43
CA PRO A 251 -4.82 -3.99 15.66
C PRO A 251 -3.99 -3.76 16.92
N ARG A 252 -2.71 -3.40 16.81
CA ARG A 252 -1.90 -3.12 17.98
C ARG A 252 -2.23 -1.79 18.65
N ALA A 253 -2.96 -0.90 17.97
CA ALA A 253 -3.39 0.36 18.53
C ALA A 253 -4.85 0.28 18.95
N ASN A 254 -5.22 1.04 19.98
CA ASN A 254 -6.62 1.17 20.34
C ASN A 254 -6.83 2.48 21.10
N PHE A 255 -8.11 2.81 21.34
CA PHE A 255 -8.45 4.14 21.86
C PHE A 255 -7.97 4.33 23.29
N ASP A 256 -8.26 3.37 24.18
CA ASP A 256 -7.86 3.56 25.57
C ASP A 256 -6.34 3.59 25.72
N GLN A 257 -5.64 2.76 24.95
CA GLN A 257 -4.18 2.77 25.00
C GLN A 257 -3.63 4.13 24.59
N SER A 258 -4.22 4.73 23.55
CA SER A 258 -3.78 6.03 23.09
C SER A 258 -4.06 7.11 24.12
N LEU A 259 -5.20 7.02 24.80
CA LEU A 259 -5.49 7.98 25.87
C LEU A 259 -4.52 7.80 27.03
N ARG A 260 -4.15 6.55 27.33
CA ARG A 260 -3.19 6.31 28.40
C ARG A 260 -1.84 6.94 28.08
N VAL A 261 -1.43 6.92 26.82
CA VAL A 261 -0.19 7.59 26.42
C VAL A 261 -0.24 9.06 26.77
N LEU A 262 -1.30 9.74 26.33
CA LEU A 262 -1.43 11.18 26.55
C LEU A 262 -1.55 11.50 28.04
N LYS A 263 -2.29 10.69 28.78
CA LYS A 263 -2.42 10.93 30.21
C LYS A 263 -1.08 10.74 30.92
N HIS A 264 -0.33 9.71 30.54
CA HIS A 264 0.92 9.46 31.24
C HIS A 264 1.96 10.52 30.92
N ALA A 265 1.94 11.06 29.71
CA ALA A 265 2.84 12.17 29.37
C ALA A 265 2.64 13.34 30.33
N LYS A 266 1.37 13.68 30.59
CA LYS A 266 1.06 14.77 31.50
C LYS A 266 1.43 14.44 32.93
N LYS A 267 1.27 13.19 33.34
CA LYS A 267 1.61 12.79 34.71
C LYS A 267 3.11 12.90 34.93
N VAL A 268 3.91 12.51 33.94
CA VAL A 268 5.36 12.53 34.08
C VAL A 268 5.92 13.95 33.97
N GLN A 269 5.34 14.77 33.09
CA GLN A 269 5.80 16.14 32.86
C GLN A 269 4.58 17.04 32.82
N PRO A 270 4.15 17.58 33.97
CA PRO A 270 2.87 18.30 34.01
C PRO A 270 2.81 19.55 33.16
N ASP A 271 3.94 20.21 32.90
CA ASP A 271 3.92 21.43 32.10
C ASP A 271 4.10 21.19 30.61
N VAL A 272 4.17 19.92 30.17
CA VAL A 272 4.18 19.65 28.74
C VAL A 272 2.80 19.94 28.17
N ILE A 273 2.76 20.38 26.91
CA ILE A 273 1.51 20.53 26.17
C ILE A 273 1.19 19.20 25.49
N SER A 274 -0.01 18.68 25.72
CA SER A 274 -0.44 17.45 25.08
C SER A 274 -1.37 17.76 23.91
N LYS A 275 -1.33 16.89 22.90
CA LYS A 275 -1.93 17.17 21.60
C LYS A 275 -2.32 15.86 20.93
N THR A 276 -3.47 15.85 20.25
CA THR A 276 -3.87 14.68 19.49
C THR A 276 -4.62 15.14 18.24
N SER A 277 -4.76 14.22 17.30
CA SER A 277 -5.37 14.50 16.00
C SER A 277 -6.40 13.45 15.66
N ILE A 278 -7.49 13.87 15.00
CA ILE A 278 -8.54 12.97 14.52
C ILE A 278 -8.77 13.27 13.05
N MET A 279 -8.97 12.21 12.26
CA MET A 279 -9.39 12.33 10.87
C MET A 279 -10.89 12.15 10.78
N LEU A 280 -11.53 13.00 9.98
CA LEU A 280 -12.94 12.88 9.67
C LEU A 280 -13.12 12.39 8.23
N GLY A 281 -14.29 11.83 7.96
CA GLY A 281 -14.58 11.25 6.67
C GLY A 281 -14.41 9.75 6.56
N LEU A 282 -14.33 9.05 7.70
CA LEU A 282 -14.13 7.60 7.73
C LEU A 282 -15.37 6.84 8.19
N GLY A 283 -16.51 7.51 8.32
CA GLY A 283 -17.75 6.88 8.74
C GLY A 283 -18.26 7.31 10.09
N GLU A 284 -17.49 8.08 10.84
CA GLU A 284 -17.96 8.55 12.14
C GLU A 284 -19.18 9.46 11.97
N ASN A 285 -20.02 9.52 13.01
CA ASN A 285 -21.13 10.45 13.04
C ASN A 285 -20.85 11.53 14.08
N ASP A 286 -21.72 12.55 14.10
CA ASP A 286 -21.48 13.72 14.94
C ASP A 286 -21.50 13.36 16.41
N GLU A 287 -22.38 12.44 16.81
CA GLU A 287 -22.48 12.04 18.21
C GLU A 287 -21.19 11.39 18.68
N GLN A 288 -20.57 10.56 17.83
CA GLN A 288 -19.32 9.92 18.21
C GLN A 288 -18.16 10.90 18.25
N VAL A 289 -18.16 11.90 17.35
CA VAL A 289 -17.09 12.89 17.36
C VAL A 289 -17.16 13.71 18.63
N TYR A 290 -18.35 14.18 18.99
CA TYR A 290 -18.50 14.97 20.20
C TYR A 290 -18.09 14.19 21.44
N ALA A 291 -18.54 12.93 21.54
CA ALA A 291 -18.19 12.10 22.68
C ALA A 291 -16.68 11.91 22.78
N THR A 292 -16.02 11.77 21.64
CA THR A 292 -14.56 11.60 21.62
C THR A 292 -13.87 12.87 22.12
N MET A 293 -14.29 14.03 21.61
CA MET A 293 -13.72 15.29 22.06
C MET A 293 -13.91 15.49 23.55
N LYS A 294 -15.10 15.15 24.06
CA LYS A 294 -15.36 15.22 25.50
C LYS A 294 -14.38 14.34 26.27
N ALA A 295 -14.22 13.08 25.83
CA ALA A 295 -13.32 12.15 26.50
C ALA A 295 -11.88 12.66 26.48
N LEU A 296 -11.46 13.28 25.37
CA LEU A 296 -10.12 13.85 25.30
C LEU A 296 -9.95 14.95 26.34
N ARG A 297 -10.99 15.76 26.55
CA ARG A 297 -10.90 16.80 27.57
C ARG A 297 -10.77 16.20 28.97
N GLU A 298 -11.51 15.12 29.26
CA GLU A 298 -11.40 14.48 30.57
CA GLU A 298 -11.39 14.50 30.57
C GLU A 298 -10.00 13.92 30.79
N ALA A 299 -9.31 13.57 29.70
CA ALA A 299 -7.92 13.10 29.77
C ALA A 299 -6.92 14.25 29.75
N ASP A 300 -7.39 15.50 29.83
CA ASP A 300 -6.54 16.69 29.95
C ASP A 300 -5.69 16.93 28.71
N VAL A 301 -6.20 16.58 27.53
CA VAL A 301 -5.52 16.86 26.27
C VAL A 301 -5.70 18.34 25.96
N ASP A 302 -4.60 19.07 25.80
CA ASP A 302 -4.65 20.52 25.64
C ASP A 302 -5.09 20.93 24.24
N CYS A 303 -4.59 20.24 23.21
CA CYS A 303 -4.77 20.69 21.82
C CYS A 303 -5.31 19.57 20.95
N LEU A 304 -6.15 19.95 19.97
CA LEU A 304 -6.80 19.01 19.08
C LEU A 304 -6.70 19.49 17.64
N THR A 305 -6.48 18.56 16.70
CA THR A 305 -6.64 18.90 15.29
C THR A 305 -7.64 17.94 14.64
N LEU A 306 -8.40 18.48 13.69
CA LEU A 306 -9.36 17.71 12.91
C LEU A 306 -9.15 18.04 11.43
N GLY A 307 -9.04 16.99 10.61
CA GLY A 307 -8.84 17.18 9.18
C GLY A 307 -9.51 16.08 8.41
N GLN A 308 -9.49 16.24 7.09
CA GLN A 308 -10.11 15.25 6.20
C GLN A 308 -9.18 14.08 5.96
N TYR A 309 -9.71 12.86 6.14
CA TYR A 309 -9.01 11.68 5.65
C TYR A 309 -8.99 11.72 4.13
N MET A 310 -7.79 11.64 3.56
CA MET A 310 -7.62 11.61 2.11
C MET A 310 -6.96 10.29 1.76
N GLN A 311 -7.62 9.53 0.89
CA GLN A 311 -7.17 8.18 0.58
C GLN A 311 -5.87 8.24 -0.21
N PRO A 312 -4.75 7.72 0.32
CA PRO A 312 -3.47 7.87 -0.41
C PRO A 312 -3.44 7.11 -1.72
N THR A 313 -3.88 5.85 -1.71
CA THR A 313 -3.95 5.03 -2.91
C THR A 313 -5.28 4.28 -2.89
N ARG A 314 -5.65 3.73 -4.04
CA ARG A 314 -6.91 2.99 -4.11
C ARG A 314 -6.92 1.73 -3.26
N ARG A 315 -5.77 1.27 -2.77
CA ARG A 315 -5.75 0.10 -1.89
C ARG A 315 -6.09 0.45 -0.45
N HIS A 316 -6.04 1.72 -0.09
CA HIS A 316 -6.32 2.15 1.27
C HIS A 316 -7.83 2.29 1.48
N LEU A 317 -8.20 2.57 2.72
CA LEU A 317 -9.60 2.78 3.08
C LEU A 317 -10.27 3.77 2.14
N LYS A 318 -11.48 3.46 1.74
CA LYS A 318 -12.25 4.39 0.93
CA LYS A 318 -12.24 4.40 0.93
C LYS A 318 -12.72 5.57 1.80
N VAL A 319 -12.77 6.74 1.19
CA VAL A 319 -13.31 7.90 1.88
C VAL A 319 -14.82 7.75 1.97
N GLU A 320 -15.37 7.84 3.19
CA GLU A 320 -16.81 7.72 3.33
C GLU A 320 -17.51 9.01 2.90
N GLU A 321 -16.91 10.17 3.17
CA GLU A 321 -17.43 11.43 2.65
C GLU A 321 -16.39 12.51 2.90
N TYR A 322 -16.50 13.59 2.15
CA TYR A 322 -15.68 14.78 2.34
C TYR A 322 -16.47 15.76 3.19
N ILE A 323 -15.93 16.09 4.36
CA ILE A 323 -16.59 17.00 5.28
C ILE A 323 -16.47 18.43 4.75
N THR A 324 -17.54 19.21 4.88
CA THR A 324 -17.56 20.53 4.28
C THR A 324 -16.70 21.52 5.06
N PRO A 325 -16.21 22.57 4.41
CA PRO A 325 -15.51 23.63 5.15
C PRO A 325 -16.31 24.17 6.32
N GLU A 326 -17.61 24.41 6.14
CA GLU A 326 -18.41 24.95 7.24
C GLU A 326 -18.56 23.96 8.38
N LYS A 327 -18.57 22.66 8.09
CA LYS A 327 -18.67 21.69 9.18
C LYS A 327 -17.39 21.67 10.01
N PHE A 328 -16.22 21.81 9.37
CA PHE A 328 -14.98 21.91 10.14
C PHE A 328 -14.97 23.16 11.03
N LYS A 329 -15.54 24.27 10.54
CA LYS A 329 -15.65 25.46 11.39
C LYS A 329 -16.58 25.21 12.57
N TYR A 330 -17.62 24.42 12.37
CA TYR A 330 -18.50 24.02 13.47
C TYR A 330 -17.71 23.27 14.54
N TRP A 331 -16.86 22.33 14.14
CA TRP A 331 -16.11 21.57 15.13
C TRP A 331 -15.09 22.43 15.86
N GLU A 332 -14.53 23.44 15.18
CA GLU A 332 -13.62 24.34 15.89
C GLU A 332 -14.35 25.08 17.00
N LYS A 333 -15.57 25.55 16.71
CA LYS A 333 -16.37 26.22 17.73
C LYS A 333 -16.66 25.26 18.89
N VAL A 334 -16.96 24.00 18.57
CA VAL A 334 -17.26 23.01 19.60
C VAL A 334 -16.03 22.76 20.46
N GLY A 335 -14.85 22.63 19.83
CA GLY A 335 -13.63 22.46 20.59
C GLY A 335 -13.32 23.63 21.50
N ASN A 336 -13.58 24.86 21.02
CA ASN A 336 -13.39 26.04 21.85
C ASN A 336 -14.28 25.99 23.09
N GLU A 337 -15.56 25.65 22.90
CA GLU A 337 -16.50 25.59 24.02
C GLU A 337 -16.11 24.50 25.02
N LEU A 338 -15.58 23.38 24.52
CA LEU A 338 -15.12 22.31 25.40
C LEU A 338 -13.82 22.65 26.12
N GLY A 339 -13.11 23.69 25.70
CA GLY A 339 -11.98 24.17 26.46
C GLY A 339 -10.61 23.78 25.95
N PHE A 340 -10.51 23.21 24.75
CA PHE A 340 -9.19 22.99 24.17
C PHE A 340 -8.48 24.33 24.00
N HIS A 341 -7.17 24.32 24.20
CA HIS A 341 -6.45 25.58 24.07
C HIS A 341 -6.32 26.02 22.62
N TYR A 342 -6.29 25.07 21.68
CA TYR A 342 -6.66 25.39 20.31
C TYR A 342 -7.27 24.15 19.67
N THR A 343 -8.16 24.39 18.72
CA THR A 343 -8.75 23.33 17.90
C THR A 343 -8.49 23.71 16.45
N ALA A 344 -7.48 23.09 15.85
CA ALA A 344 -7.14 23.32 14.45
C ALA A 344 -8.03 22.42 13.59
N SER A 345 -8.95 23.01 12.85
CA SER A 345 -10.01 22.24 12.20
C SER A 345 -10.23 22.76 10.78
N GLY A 346 -10.07 21.87 9.80
CA GLY A 346 -10.22 22.27 8.42
C GLY A 346 -9.88 21.12 7.49
N PRO A 347 -10.37 21.18 6.24
CA PRO A 347 -10.16 20.04 5.33
C PRO A 347 -8.72 19.59 5.18
N LEU A 348 -7.78 20.52 5.00
CA LEU A 348 -6.40 20.12 4.77
C LEU A 348 -5.59 19.99 6.05
N VAL A 349 -6.20 20.21 7.22
CA VAL A 349 -5.47 20.13 8.47
C VAL A 349 -4.93 18.72 8.69
N ARG A 350 -3.66 18.63 9.08
CA ARG A 350 -2.99 17.43 9.53
C ARG A 350 -2.41 17.71 10.91
N SER A 351 -1.93 16.64 11.56
CA SER A 351 -1.34 16.78 12.89
C SER A 351 -0.34 17.93 12.94
N SER A 352 0.55 17.99 11.95
CA SER A 352 1.62 18.99 11.98
C SER A 352 1.29 20.29 11.26
N TYR A 353 0.10 20.40 10.66
CA TYR A 353 -0.24 21.56 9.82
C TYR A 353 -0.12 22.86 10.59
N LYS A 354 0.82 23.71 10.15
CA LYS A 354 1.07 25.03 10.74
C LYS A 354 1.20 24.95 12.26
N ALA A 355 1.77 23.86 12.75
CA ALA A 355 1.78 23.60 14.18
C ALA A 355 2.47 24.73 14.95
N GLY A 356 3.51 25.33 14.35
CA GLY A 356 4.15 26.47 14.97
C GLY A 356 3.25 27.68 15.10
N GLU A 357 2.47 27.97 14.05
CA GLU A 357 1.54 29.10 14.10
C GLU A 357 0.46 28.88 15.14
N PHE A 358 -0.08 27.66 15.24
CA PHE A 358 -1.11 27.41 16.23
C PHE A 358 -0.55 27.54 17.65
N PHE A 359 0.67 27.08 17.85
CA PHE A 359 1.32 27.20 19.17
C PHE A 359 1.58 28.66 19.52
N LEU A 360 2.14 29.43 18.59
CA LEU A 360 2.44 30.84 18.86
C LEU A 360 1.18 31.65 19.13
N LYS A 361 0.13 31.42 18.34
CA LYS A 361 -1.05 32.28 18.44
C LYS A 361 -1.90 31.95 19.66
N ASN A 362 -2.04 30.67 19.98
CA ASN A 362 -3.03 30.25 20.96
C ASN A 362 -2.45 29.89 22.32
N LEU A 363 -1.18 29.49 22.38
CA LEU A 363 -0.54 29.19 23.67
C LEU A 363 0.41 30.28 24.11
N VAL A 364 1.32 30.70 23.24
CA VAL A 364 2.21 31.83 23.54
C VAL A 364 1.46 33.15 23.49
N ALA A 365 0.35 33.20 22.74
CA ALA A 365 -0.42 34.43 22.52
C ALA A 365 0.49 35.59 22.16
N LYS A 366 1.39 35.35 21.22
CA LYS A 366 2.39 36.35 20.87
C LYS A 366 1.74 37.51 20.12
N ARG A 367 2.11 38.73 20.51
CA ARG A 367 1.71 39.94 19.79
C ARG A 367 2.75 40.24 18.72
N LYS A 368 2.29 40.40 17.48
CA LYS A 368 3.19 40.60 16.35
C LYS A 368 3.72 42.03 16.30
N LEU B 74 5.09 -14.10 10.06
CA LEU B 74 3.72 -14.59 10.09
C LEU B 74 3.69 -16.11 10.24
N ARG B 75 2.71 -16.62 10.99
CA ARG B 75 2.54 -18.06 11.12
C ARG B 75 1.86 -18.59 9.86
N LEU B 76 2.56 -19.44 9.13
CA LEU B 76 2.07 -20.07 7.93
C LEU B 76 2.07 -21.58 8.12
N PRO B 77 1.21 -22.32 7.42
CA PRO B 77 1.33 -23.76 7.43
C PRO B 77 2.62 -24.20 6.76
N PRO B 78 3.09 -25.42 7.05
CA PRO B 78 4.41 -25.81 6.54
C PRO B 78 4.49 -25.93 5.03
N TRP B 79 3.37 -26.20 4.36
CA TRP B 79 3.38 -26.41 2.92
C TRP B 79 3.46 -25.11 2.13
N LEU B 80 3.42 -23.94 2.80
CA LEU B 80 3.54 -22.67 2.10
C LEU B 80 4.96 -22.10 2.18
N LYS B 81 5.88 -22.78 2.85
CA LYS B 81 7.24 -22.28 3.00
C LYS B 81 8.11 -22.82 1.87
N THR B 82 8.91 -21.93 1.27
CA THR B 82 9.69 -22.27 0.09
C THR B 82 11.13 -21.82 0.26
N GLU B 83 12.02 -22.46 -0.49
CA GLU B 83 13.43 -22.09 -0.48
C GLU B 83 13.64 -20.74 -1.16
N ILE B 84 14.31 -19.83 -0.45
CA ILE B 84 14.67 -18.48 -0.91
C ILE B 84 15.33 -18.57 -2.29
N PRO B 85 15.04 -17.65 -3.20
CA PRO B 85 15.74 -17.65 -4.50
C PRO B 85 17.23 -17.39 -4.31
N MET B 86 18.05 -18.31 -4.82
CA MET B 86 19.48 -18.31 -4.60
C MET B 86 20.19 -18.83 -5.84
N GLY B 87 21.42 -18.39 -6.02
CA GLY B 87 22.29 -19.01 -6.98
C GLY B 87 22.31 -18.36 -8.33
N LYS B 88 22.91 -19.09 -9.26
CA LYS B 88 23.32 -18.48 -10.52
C LYS B 88 22.13 -18.23 -11.44
N ASN B 89 21.20 -19.18 -11.52
CA ASN B 89 20.09 -19.06 -12.48
C ASN B 89 19.16 -17.92 -12.10
N TYR B 90 18.78 -17.85 -10.82
CA TYR B 90 18.06 -16.70 -10.32
C TYR B 90 18.80 -15.40 -10.63
N ASN B 91 20.11 -15.37 -10.33
CA ASN B 91 20.89 -14.16 -10.58
C ASN B 91 20.92 -13.81 -12.07
N LYS B 92 20.97 -14.84 -12.94
CA LYS B 92 21.03 -14.60 -14.38
C LYS B 92 19.74 -13.98 -14.92
N LEU B 93 18.60 -14.61 -14.66
CA LEU B 93 17.33 -14.02 -15.08
C LEU B 93 17.19 -12.61 -14.54
N LYS B 94 17.56 -12.42 -13.27
CA LYS B 94 17.45 -11.10 -12.66
CA LYS B 94 17.46 -11.10 -12.65
C LYS B 94 18.29 -10.07 -13.40
N ASN B 95 19.49 -10.47 -13.85
CA ASN B 95 20.38 -9.53 -14.53
C ASN B 95 19.85 -9.15 -15.91
N THR B 96 19.30 -10.12 -16.65
CA THR B 96 18.65 -9.82 -17.92
C THR B 96 17.55 -8.77 -17.75
N LEU B 97 16.69 -8.97 -16.75
CA LEU B 97 15.61 -8.03 -16.50
C LEU B 97 16.13 -6.64 -16.17
N ARG B 98 17.15 -6.54 -15.31
CA ARG B 98 17.64 -5.23 -14.92
C ARG B 98 18.33 -4.53 -16.08
N ASN B 99 19.07 -5.28 -16.90
CA ASN B 99 19.74 -4.70 -18.06
C ASN B 99 18.74 -4.15 -19.08
N LEU B 100 17.55 -4.75 -19.18
CA LEU B 100 16.56 -4.34 -20.17
C LEU B 100 15.42 -3.55 -19.57
N ASN B 101 15.56 -3.12 -18.31
CA ASN B 101 14.54 -2.30 -17.64
C ASN B 101 13.17 -2.98 -17.65
N LEU B 102 13.16 -4.27 -17.35
CA LEU B 102 11.94 -5.06 -17.31
C LEU B 102 11.55 -5.39 -15.88
N HIS B 103 10.25 -5.63 -15.67
CA HIS B 103 9.68 -6.01 -14.39
C HIS B 103 9.02 -7.38 -14.50
N THR B 104 8.84 -8.03 -13.35
CA THR B 104 8.12 -9.31 -13.31
C THR B 104 7.02 -9.27 -12.27
N VAL B 105 5.94 -10.01 -12.56
CA VAL B 105 4.94 -10.18 -11.53
C VAL B 105 5.51 -11.03 -10.39
N CYS B 106 6.44 -11.94 -10.71
CA CYS B 106 7.08 -12.77 -9.68
C CYS B 106 7.64 -11.91 -8.55
N GLU B 107 8.38 -10.86 -8.90
CA GLU B 107 8.97 -9.95 -7.91
C GLU B 107 7.91 -9.02 -7.32
N GLU B 108 7.14 -8.35 -8.17
CA GLU B 108 6.29 -7.26 -7.67
C GLU B 108 5.11 -7.79 -6.86
N ALA B 109 4.59 -8.97 -7.21
CA ALA B 109 3.52 -9.59 -6.42
C ALA B 109 4.05 -10.48 -5.31
N ARG B 110 5.37 -10.58 -5.16
CA ARG B 110 6.02 -11.29 -4.06
C ARG B 110 5.62 -12.77 -4.02
N CYS B 111 5.80 -13.42 -5.16
CA CYS B 111 5.38 -14.81 -5.29
C CYS B 111 6.34 -15.73 -4.54
N PRO B 112 5.83 -16.71 -3.79
CA PRO B 112 6.71 -17.65 -3.08
C PRO B 112 7.44 -18.63 -3.99
N ASN B 113 7.11 -18.72 -5.27
CA ASN B 113 7.70 -19.74 -6.14
C ASN B 113 8.92 -19.27 -6.90
N ILE B 114 9.39 -18.04 -6.69
CA ILE B 114 10.44 -17.47 -7.55
C ILE B 114 11.68 -18.35 -7.53
N GLY B 115 12.05 -18.89 -6.36
CA GLY B 115 13.21 -19.76 -6.30
C GLY B 115 13.07 -20.97 -7.20
N GLU B 116 11.88 -21.59 -7.20
CA GLU B 116 11.65 -22.76 -8.05
C GLU B 116 11.58 -22.38 -9.52
N CYS B 117 10.79 -21.36 -9.85
CA CYS B 117 10.58 -21.00 -11.24
C CYS B 117 11.85 -20.43 -11.87
N TRP B 118 12.47 -19.43 -11.23
CA TRP B 118 13.65 -18.79 -11.80
C TRP B 118 14.88 -19.69 -11.72
N GLY B 119 14.99 -20.50 -10.66
CA GLY B 119 16.15 -21.37 -10.52
C GLY B 119 16.15 -22.57 -11.42
N GLY B 120 14.98 -22.97 -11.93
CA GLY B 120 14.85 -24.15 -12.75
C GLY B 120 15.11 -25.43 -11.94
N GLY B 121 15.12 -26.54 -12.69
CA GLY B 121 15.41 -27.84 -12.12
C GLY B 121 16.06 -28.73 -13.16
N GLU B 122 16.53 -29.89 -12.71
CA GLU B 122 17.21 -30.82 -13.62
C GLU B 122 16.38 -31.09 -14.87
N TYR B 123 15.05 -31.04 -14.75
CA TYR B 123 14.15 -31.15 -15.89
C TYR B 123 13.09 -30.04 -15.82
N ALA B 124 13.58 -28.79 -15.84
CA ALA B 124 12.74 -27.60 -15.90
C ALA B 124 13.59 -26.40 -16.28
N THR B 125 13.21 -25.73 -17.37
CA THR B 125 13.93 -24.53 -17.79
C THR B 125 13.63 -23.37 -16.85
N ALA B 126 14.67 -22.61 -16.50
CA ALA B 126 14.47 -21.39 -15.75
C ALA B 126 13.52 -20.45 -16.50
N THR B 127 12.53 -19.93 -15.80
CA THR B 127 11.53 -19.07 -16.44
C THR B 127 11.06 -18.02 -15.46
N ALA B 128 10.65 -16.87 -16.01
CA ALA B 128 10.04 -15.79 -15.24
C ALA B 128 8.93 -15.19 -16.07
N THR B 129 7.97 -14.56 -15.38
CA THR B 129 6.77 -13.99 -16.01
C THR B 129 6.89 -12.46 -15.99
N ILE B 130 7.21 -11.90 -17.15
CA ILE B 130 7.40 -10.46 -17.29
C ILE B 130 6.06 -9.76 -17.12
N MET B 131 6.07 -8.63 -16.39
CA MET B 131 4.88 -7.83 -16.13
C MET B 131 5.03 -6.52 -16.90
N LEU B 132 4.18 -6.32 -17.89
CA LEU B 132 4.27 -5.17 -18.79
C LEU B 132 3.63 -3.93 -18.18
N MET B 133 4.05 -2.77 -18.69
CA MET B 133 3.48 -1.45 -18.45
C MET B 133 3.92 -0.86 -17.10
N GLY B 134 5.07 -1.29 -16.60
CA GLY B 134 5.66 -0.69 -15.41
C GLY B 134 5.38 -1.49 -14.16
N ASP B 135 5.92 -1.00 -13.04
CA ASP B 135 5.75 -1.68 -11.76
C ASP B 135 4.65 -1.04 -10.90
N THR B 136 3.86 -0.14 -11.47
CA THR B 136 2.85 0.58 -10.71
C THR B 136 1.50 0.50 -11.42
N CYS B 137 0.53 -0.08 -10.72
CA CYS B 137 -0.81 -0.30 -11.23
C CYS B 137 -1.72 0.88 -10.89
N THR B 138 -2.76 1.08 -11.71
CA THR B 138 -3.75 2.09 -11.40
C THR B 138 -4.83 1.61 -10.43
N ARG B 139 -4.83 0.35 -10.02
CA ARG B 139 -5.86 -0.18 -9.14
C ARG B 139 -5.27 -0.59 -7.79
N GLY B 140 -6.16 -0.90 -6.85
CA GLY B 140 -5.73 -1.17 -5.49
C GLY B 140 -6.35 -2.41 -4.90
N CYS B 141 -6.25 -3.53 -5.63
CA CYS B 141 -6.79 -4.79 -5.13
C CYS B 141 -6.16 -5.13 -3.80
N ARG B 142 -7.00 -5.49 -2.81
CA ARG B 142 -6.52 -5.58 -1.44
C ARG B 142 -5.80 -6.88 -1.15
N PHE B 143 -5.71 -7.79 -2.12
CA PHE B 143 -4.89 -8.99 -2.00
C PHE B 143 -3.51 -8.83 -2.61
N CYS B 144 -3.28 -7.78 -3.38
CA CYS B 144 -2.15 -7.65 -4.28
C CYS B 144 -1.10 -6.71 -3.72
N SER B 145 0.18 -7.09 -3.84
CA SER B 145 1.29 -6.25 -3.34
C SER B 145 1.92 -5.37 -4.41
N VAL B 146 1.46 -5.43 -5.66
CA VAL B 146 1.99 -4.55 -6.68
C VAL B 146 1.73 -3.10 -6.28
N LYS B 147 2.75 -2.25 -6.45
CA LYS B 147 2.61 -0.84 -6.12
C LYS B 147 1.49 -0.19 -6.93
N THR B 148 0.77 0.74 -6.30
CA THR B 148 -0.33 1.41 -6.98
C THR B 148 -0.18 2.92 -6.85
N ALA B 149 -0.67 3.63 -7.87
CA ALA B 149 -0.61 5.07 -7.89
C ALA B 149 -1.59 5.60 -8.91
N ARG B 150 -2.17 6.75 -8.59
CA ARG B 150 -2.82 7.55 -9.62
C ARG B 150 -1.74 8.18 -10.48
N ASN B 151 -1.87 8.04 -11.79
CA ASN B 151 -0.97 8.65 -12.77
C ASN B 151 0.45 8.09 -12.71
N PRO B 152 0.65 6.80 -13.01
CA PRO B 152 2.02 6.28 -13.14
C PRO B 152 2.70 6.84 -14.37
N PRO B 153 4.00 6.66 -14.51
CA PRO B 153 4.71 7.20 -15.68
C PRO B 153 4.16 6.61 -16.97
N PRO B 154 4.41 7.26 -18.11
CA PRO B 154 3.95 6.72 -19.39
C PRO B 154 4.61 5.40 -19.72
N LEU B 155 4.02 4.68 -20.67
CA LEU B 155 4.58 3.41 -21.12
C LEU B 155 5.98 3.59 -21.70
N ASP B 156 6.86 2.63 -21.40
CA ASP B 156 8.14 2.51 -22.08
C ASP B 156 7.90 1.79 -23.40
N ALA B 157 7.99 2.54 -24.51
CA ALA B 157 7.70 1.95 -25.81
C ALA B 157 8.66 0.82 -26.19
N SER B 158 9.85 0.76 -25.60
CA SER B 158 10.80 -0.29 -25.92
C SER B 158 10.49 -1.62 -25.22
N GLU B 159 9.63 -1.60 -24.22
CA GLU B 159 9.34 -2.83 -23.47
C GLU B 159 8.89 -3.99 -24.35
N PRO B 160 7.97 -3.81 -25.31
CA PRO B 160 7.64 -4.95 -26.19
C PRO B 160 8.85 -5.54 -26.87
N TYR B 161 9.76 -4.69 -27.34
CA TYR B 161 10.97 -5.16 -27.98
C TYR B 161 11.93 -5.81 -26.98
N ASN B 162 12.10 -5.19 -25.81
CA ASN B 162 13.03 -5.75 -24.83
C ASN B 162 12.52 -7.06 -24.25
N THR B 163 11.19 -7.22 -24.13
CA THR B 163 10.63 -8.48 -23.68
C THR B 163 11.05 -9.62 -24.63
N ALA B 164 10.96 -9.39 -25.94
CA ALA B 164 11.35 -10.43 -26.88
C ALA B 164 12.85 -10.73 -26.79
N LYS B 165 13.67 -9.72 -26.52
CA LYS B 165 15.09 -9.95 -26.37
C LYS B 165 15.38 -10.82 -25.15
N ALA B 166 14.72 -10.53 -24.03
CA ALA B 166 14.94 -11.30 -22.81
C ALA B 166 14.57 -12.76 -23.01
N ILE B 167 13.37 -13.01 -23.57
CA ILE B 167 12.88 -14.36 -23.80
C ILE B 167 13.83 -15.15 -24.71
N ALA B 168 14.33 -14.51 -25.76
CA ALA B 168 15.23 -15.21 -26.67
C ALA B 168 16.55 -15.56 -25.99
N GLU B 169 17.05 -14.68 -25.13
CA GLU B 169 18.25 -14.98 -24.35
C GLU B 169 18.03 -16.15 -23.41
N TRP B 170 16.85 -16.23 -22.78
CA TRP B 170 16.54 -17.33 -21.87
C TRP B 170 16.25 -18.64 -22.59
N GLY B 171 16.07 -18.63 -23.91
CA GLY B 171 15.80 -19.85 -24.64
C GLY B 171 14.46 -20.48 -24.34
N LEU B 172 13.46 -19.70 -23.97
CA LEU B 172 12.14 -20.26 -23.65
C LEU B 172 11.42 -20.67 -24.93
N ASP B 173 10.73 -21.82 -24.87
CA ASP B 173 9.80 -22.25 -25.91
C ASP B 173 8.36 -21.86 -25.60
N TYR B 174 8.08 -21.41 -24.38
CA TYR B 174 6.76 -21.04 -23.94
C TYR B 174 6.92 -19.83 -23.04
N VAL B 175 6.18 -18.75 -23.34
CA VAL B 175 6.33 -17.47 -22.66
C VAL B 175 5.02 -17.13 -21.96
N VAL B 176 5.09 -16.76 -20.69
CA VAL B 176 3.94 -16.26 -19.94
C VAL B 176 4.15 -14.77 -19.71
N LEU B 177 3.14 -13.97 -20.04
CA LEU B 177 3.19 -12.52 -19.86
C LEU B 177 2.00 -12.07 -19.01
N THR B 178 2.17 -10.95 -18.31
CA THR B 178 1.04 -10.25 -17.70
C THR B 178 1.39 -8.76 -17.69
N SER B 179 0.60 -7.97 -16.96
CA SER B 179 0.79 -6.54 -16.92
C SER B 179 0.09 -6.00 -15.68
N VAL B 180 0.40 -4.75 -15.34
CA VAL B 180 -0.43 -4.00 -14.39
C VAL B 180 -1.67 -3.56 -15.15
N ASP B 181 -2.66 -3.04 -14.44
CA ASP B 181 -3.76 -2.36 -15.09
C ASP B 181 -3.38 -0.90 -15.31
N ARG B 182 -3.82 -0.34 -16.43
CA ARG B 182 -3.52 1.03 -16.81
C ARG B 182 -4.83 1.72 -17.21
N ASP B 183 -5.65 1.99 -16.19
CA ASP B 183 -6.91 2.70 -16.43
C ASP B 183 -6.68 4.13 -16.89
N ASP B 184 -5.46 4.65 -16.79
CA ASP B 184 -5.15 5.97 -17.30
C ASP B 184 -5.01 5.99 -18.83
N MET B 185 -5.03 4.85 -19.48
CA MET B 185 -4.89 4.82 -20.93
C MET B 185 -6.22 4.52 -21.59
N PRO B 186 -6.52 5.15 -22.72
CA PRO B 186 -7.82 4.93 -23.39
C PRO B 186 -8.09 3.48 -23.73
N ASP B 187 -7.10 2.71 -24.17
CA ASP B 187 -7.32 1.30 -24.48
C ASP B 187 -6.82 0.37 -23.38
N GLY B 188 -6.50 0.91 -22.21
CA GLY B 188 -6.03 0.07 -21.12
C GLY B 188 -4.72 -0.63 -21.38
N GLY B 189 -3.97 -0.18 -22.39
CA GLY B 189 -2.73 -0.84 -22.74
C GLY B 189 -2.86 -1.96 -23.73
N ALA B 190 -4.04 -2.15 -24.34
CA ALA B 190 -4.25 -3.28 -25.25
C ALA B 190 -3.22 -3.29 -26.37
N GLU B 191 -2.95 -2.14 -26.99
CA GLU B 191 -2.02 -2.12 -28.12
CA GLU B 191 -2.02 -2.11 -28.11
C GLU B 191 -0.62 -2.50 -27.66
N HIS B 192 -0.19 -2.00 -26.50
CA HIS B 192 1.13 -2.29 -25.97
C HIS B 192 1.30 -3.79 -25.72
N ILE B 193 0.29 -4.42 -25.13
CA ILE B 193 0.34 -5.87 -24.89
C ILE B 193 0.38 -6.63 -26.21
N ALA B 194 -0.50 -6.24 -27.16
CA ALA B 194 -0.54 -6.95 -28.43
C ALA B 194 0.76 -6.81 -29.20
N LYS B 195 1.38 -5.62 -29.13
CA LYS B 195 2.65 -5.41 -29.79
C LYS B 195 3.72 -6.35 -29.21
N THR B 196 3.69 -6.58 -27.90
CA THR B 196 4.65 -7.49 -27.28
C THR B 196 4.46 -8.92 -27.79
N VAL B 197 3.20 -9.38 -27.83
CA VAL B 197 2.93 -10.72 -28.37
C VAL B 197 3.40 -10.81 -29.82
N SER B 198 3.17 -9.75 -30.59
CA SER B 198 3.54 -9.79 -32.01
C SER B 198 5.05 -9.83 -32.21
N TYR B 199 5.80 -9.03 -31.43
CA TYR B 199 7.26 -9.11 -31.50
C TYR B 199 7.75 -10.53 -31.25
N LEU B 200 7.21 -11.19 -30.22
CA LEU B 200 7.66 -12.54 -29.88
C LEU B 200 7.40 -13.51 -31.04
N LYS B 201 6.23 -13.41 -31.68
CA LYS B 201 5.91 -14.31 -32.77
C LYS B 201 6.68 -13.95 -34.04
N GLU B 202 6.96 -12.66 -34.25
CA GLU B 202 7.76 -12.25 -35.40
C GLU B 202 9.15 -12.87 -35.34
N ARG B 203 9.79 -12.84 -34.17
CA ARG B 203 11.15 -13.35 -34.02
C ARG B 203 11.21 -14.87 -33.91
N ASN B 204 10.13 -15.52 -33.46
CA ASN B 204 10.09 -16.98 -33.37
C ASN B 204 8.67 -17.43 -33.61
N PRO B 205 8.30 -17.72 -34.87
CA PRO B 205 6.93 -18.15 -35.14
C PRO B 205 6.52 -19.43 -34.44
N LYS B 206 7.47 -20.18 -33.88
CA LYS B 206 7.17 -21.42 -33.16
CA LYS B 206 7.16 -21.41 -33.17
C LYS B 206 6.96 -21.19 -31.67
N ILE B 207 7.18 -19.97 -31.17
CA ILE B 207 6.99 -19.72 -29.74
C ILE B 207 5.51 -19.85 -29.39
N LEU B 208 5.22 -20.39 -28.20
CA LEU B 208 3.88 -20.37 -27.64
C LEU B 208 3.79 -19.27 -26.60
N VAL B 209 2.68 -18.52 -26.61
CA VAL B 209 2.55 -17.33 -25.77
C VAL B 209 1.26 -17.41 -24.97
N GLU B 210 1.37 -17.19 -23.66
CA GLU B 210 0.23 -17.06 -22.77
C GLU B 210 0.24 -15.67 -22.16
N CYS B 211 -0.90 -14.99 -22.16
CA CYS B 211 -0.98 -13.64 -21.62
C CYS B 211 -2.13 -13.57 -20.62
N LEU B 212 -1.81 -13.18 -19.38
CA LEU B 212 -2.79 -12.87 -18.35
C LEU B 212 -3.10 -11.37 -18.41
N THR B 213 -4.31 -10.99 -18.88
CA THR B 213 -4.63 -9.61 -19.26
C THR B 213 -5.48 -8.92 -18.20
N PRO B 214 -5.44 -7.57 -18.18
CA PRO B 214 -6.48 -6.80 -17.47
C PRO B 214 -7.86 -7.08 -18.03
N ASP B 215 -8.88 -6.57 -17.32
CA ASP B 215 -10.24 -6.63 -17.88
C ASP B 215 -10.50 -5.54 -18.90
N PHE B 216 -9.61 -4.54 -19.02
CA PHE B 216 -9.78 -3.40 -19.93
C PHE B 216 -11.13 -2.71 -19.70
N ARG B 217 -11.64 -2.80 -18.47
CA ARG B 217 -12.97 -2.29 -18.12
C ARG B 217 -14.05 -2.81 -19.07
N GLY B 218 -13.87 -4.01 -19.60
CA GLY B 218 -14.87 -4.62 -20.45
C GLY B 218 -14.94 -4.06 -21.86
N ASP B 219 -13.91 -3.33 -22.30
CA ASP B 219 -13.89 -2.77 -23.66
C ASP B 219 -13.63 -3.90 -24.65
N LEU B 220 -14.65 -4.22 -25.45
CA LEU B 220 -14.52 -5.34 -26.38
C LEU B 220 -13.45 -5.09 -27.43
N LYS B 221 -13.27 -3.83 -27.85
CA LYS B 221 -12.22 -3.53 -28.82
C LYS B 221 -10.83 -3.79 -28.26
N ALA B 222 -10.61 -3.42 -26.99
CA ALA B 222 -9.32 -3.69 -26.36
C ALA B 222 -9.09 -5.18 -26.22
N ILE B 223 -10.11 -5.93 -25.75
CA ILE B 223 -9.99 -7.37 -25.59
C ILE B 223 -9.69 -8.04 -26.92
N GLU B 224 -10.38 -7.63 -27.98
CA GLU B 224 -10.16 -8.22 -29.30
C GLU B 224 -8.74 -7.98 -29.78
N LYS B 225 -8.19 -6.78 -29.53
CA LYS B 225 -6.82 -6.47 -29.96
C LYS B 225 -5.83 -7.47 -29.39
N VAL B 226 -5.95 -7.79 -28.10
CA VAL B 226 -5.05 -8.74 -27.48
C VAL B 226 -5.36 -10.16 -27.95
N ALA B 227 -6.65 -10.50 -28.06
CA ALA B 227 -7.03 -11.86 -28.44
C ALA B 227 -6.56 -12.21 -29.85
N LEU B 228 -6.43 -11.22 -30.72
CA LEU B 228 -6.03 -11.44 -32.11
C LEU B 228 -4.53 -11.27 -32.33
N SER B 229 -3.74 -11.08 -31.27
CA SER B 229 -2.34 -10.72 -31.42
C SER B 229 -1.42 -11.91 -31.73
N GLY B 230 -1.91 -13.14 -31.61
CA GLY B 230 -1.09 -14.31 -31.86
C GLY B 230 -1.02 -15.26 -30.69
N LEU B 231 -1.79 -14.97 -29.63
CA LEU B 231 -1.75 -15.74 -28.40
C LEU B 231 -2.18 -17.18 -28.59
N ASP B 232 -1.61 -18.07 -27.78
CA ASP B 232 -2.10 -19.43 -27.66
C ASP B 232 -2.98 -19.64 -26.44
N VAL B 233 -2.73 -18.89 -25.36
CA VAL B 233 -3.57 -18.93 -24.17
C VAL B 233 -3.92 -17.50 -23.79
N TYR B 234 -5.21 -17.22 -23.66
CA TYR B 234 -5.72 -15.93 -23.17
C TYR B 234 -6.21 -16.17 -21.75
N ALA B 235 -5.56 -15.54 -20.78
CA ALA B 235 -5.96 -15.69 -19.38
C ALA B 235 -6.45 -14.36 -18.84
N HIS B 236 -7.49 -14.42 -18.00
CA HIS B 236 -7.94 -13.28 -17.22
C HIS B 236 -8.62 -13.81 -15.97
N ASN B 237 -8.26 -13.26 -14.80
CA ASN B 237 -8.62 -13.90 -13.53
C ASN B 237 -9.92 -13.36 -12.97
N VAL B 238 -10.76 -14.26 -12.44
CA VAL B 238 -11.89 -13.82 -11.62
C VAL B 238 -11.46 -13.55 -10.18
N GLU B 239 -10.38 -14.18 -9.73
CA GLU B 239 -9.76 -13.99 -8.41
C GLU B 239 -10.56 -14.56 -7.24
N THR B 240 -11.88 -14.40 -7.24
CA THR B 240 -12.70 -14.87 -6.12
C THR B 240 -14.14 -15.09 -6.60
N VAL B 241 -14.99 -15.52 -5.68
CA VAL B 241 -16.38 -15.86 -6.01
C VAL B 241 -17.16 -14.55 -6.17
N PRO B 242 -18.33 -14.56 -6.84
CA PRO B 242 -19.03 -13.29 -7.09
C PRO B 242 -19.28 -12.49 -5.82
N GLU B 243 -19.68 -13.17 -4.75
CA GLU B 243 -20.08 -12.48 -3.53
C GLU B 243 -18.94 -11.72 -2.86
N LEU B 244 -17.67 -12.03 -3.16
CA LEU B 244 -16.54 -11.38 -2.52
C LEU B 244 -15.79 -10.43 -3.44
N GLN B 245 -16.29 -10.19 -4.66
CA GLN B 245 -15.58 -9.34 -5.60
C GLN B 245 -15.33 -7.95 -5.02
N SER B 246 -16.34 -7.34 -4.39
CA SER B 246 -16.19 -5.98 -3.92
C SER B 246 -15.23 -5.88 -2.74
N LYS B 247 -15.03 -6.97 -2.00
CA LYS B 247 -14.09 -6.94 -0.88
C LYS B 247 -12.66 -7.21 -1.35
N VAL B 248 -12.50 -8.08 -2.33
CA VAL B 248 -11.18 -8.59 -2.70
C VAL B 248 -10.52 -7.75 -3.78
N ARG B 249 -11.30 -7.28 -4.75
CA ARG B 249 -10.76 -6.62 -5.94
C ARG B 249 -11.07 -5.13 -5.94
N ASP B 250 -10.27 -4.40 -6.71
CA ASP B 250 -10.58 -3.00 -6.98
C ASP B 250 -11.99 -2.89 -7.56
N PRO B 251 -12.76 -1.85 -7.17
CA PRO B 251 -14.15 -1.76 -7.66
C PRO B 251 -14.29 -1.60 -9.17
N ARG B 252 -13.22 -1.30 -9.91
CA ARG B 252 -13.35 -1.32 -11.36
C ARG B 252 -13.49 -2.73 -11.92
N ALA B 253 -13.21 -3.76 -11.13
CA ALA B 253 -13.35 -5.15 -11.55
C ALA B 253 -14.63 -5.73 -10.97
N ASN B 254 -15.23 -6.69 -11.69
CA ASN B 254 -16.36 -7.43 -11.15
C ASN B 254 -16.48 -8.77 -11.87
N PHE B 255 -17.31 -9.65 -11.32
CA PHE B 255 -17.38 -11.02 -11.83
C PHE B 255 -17.94 -11.07 -13.24
N ASP B 256 -19.08 -10.40 -13.47
CA ASP B 256 -19.70 -10.49 -14.79
C ASP B 256 -18.78 -9.91 -15.86
N GLN B 257 -18.06 -8.84 -15.52
CA GLN B 257 -17.14 -8.23 -16.49
C GLN B 257 -16.00 -9.17 -16.84
N SER B 258 -15.39 -9.81 -15.83
CA SER B 258 -14.30 -10.75 -16.09
C SER B 258 -14.76 -11.91 -16.96
N LEU B 259 -16.00 -12.39 -16.74
CA LEU B 259 -16.53 -13.44 -17.58
C LEU B 259 -16.74 -12.95 -19.02
N ARG B 260 -17.20 -11.71 -19.20
CA ARG B 260 -17.35 -11.17 -20.55
C ARG B 260 -16.01 -11.06 -21.27
N VAL B 261 -14.94 -10.79 -20.55
CA VAL B 261 -13.59 -10.79 -21.14
C VAL B 261 -13.26 -12.17 -21.69
N LEU B 262 -13.42 -13.21 -20.87
CA LEU B 262 -13.07 -14.56 -21.28
C LEU B 262 -13.96 -15.02 -22.44
N LYS B 263 -15.25 -14.72 -22.36
CA LYS B 263 -16.16 -15.11 -23.44
C LYS B 263 -15.79 -14.43 -24.74
N HIS B 264 -15.49 -13.13 -24.70
CA HIS B 264 -15.21 -12.42 -25.95
C HIS B 264 -13.89 -12.90 -26.56
N ALA B 265 -12.88 -13.14 -25.73
CA ALA B 265 -11.61 -13.66 -26.23
C ALA B 265 -11.82 -14.94 -27.03
N LYS B 266 -12.67 -15.84 -26.51
CA LYS B 266 -12.92 -17.11 -27.18
C LYS B 266 -13.78 -16.92 -28.42
N LYS B 267 -14.72 -15.97 -28.36
CA LYS B 267 -15.55 -15.68 -29.52
C LYS B 267 -14.69 -15.28 -30.72
N VAL B 268 -13.76 -14.34 -30.51
CA VAL B 268 -13.01 -13.77 -31.63
C VAL B 268 -11.83 -14.63 -32.06
N GLN B 269 -11.30 -15.47 -31.18
CA GLN B 269 -10.17 -16.34 -31.49
C GLN B 269 -10.54 -17.75 -31.04
N PRO B 270 -11.31 -18.48 -31.86
CA PRO B 270 -11.84 -19.78 -31.42
C PRO B 270 -10.78 -20.82 -31.10
N ASP B 271 -9.59 -20.73 -31.71
CA ASP B 271 -8.52 -21.68 -31.42
C ASP B 271 -7.77 -21.37 -30.13
N VAL B 272 -8.04 -20.22 -29.51
CA VAL B 272 -7.33 -19.87 -28.28
C VAL B 272 -7.83 -20.77 -27.14
N ILE B 273 -6.92 -21.07 -26.22
CA ILE B 273 -7.27 -21.69 -24.94
C ILE B 273 -7.52 -20.56 -23.96
N SER B 274 -8.73 -20.50 -23.39
CA SER B 274 -9.01 -19.49 -22.36
C SER B 274 -8.78 -20.06 -20.96
N LYS B 275 -8.41 -19.18 -20.03
CA LYS B 275 -7.89 -19.63 -18.74
C LYS B 275 -8.18 -18.60 -17.67
N THR B 276 -8.45 -19.06 -16.45
CA THR B 276 -8.72 -18.14 -15.35
C THR B 276 -8.20 -18.77 -14.05
N SER B 277 -8.03 -17.92 -13.03
CA SER B 277 -7.53 -18.35 -11.73
C SER B 277 -8.40 -17.79 -10.62
N ILE B 278 -8.49 -18.55 -9.52
CA ILE B 278 -9.19 -18.11 -8.33
C ILE B 278 -8.32 -18.38 -7.11
N MET B 279 -8.38 -17.49 -6.13
CA MET B 279 -7.69 -17.70 -4.85
C MET B 279 -8.69 -18.22 -3.83
N LEU B 280 -8.25 -19.19 -3.05
CA LEU B 280 -9.04 -19.68 -1.91
C LEU B 280 -8.43 -19.16 -0.60
N GLY B 281 -9.25 -19.14 0.44
CA GLY B 281 -8.82 -18.62 1.72
C GLY B 281 -9.26 -17.20 2.05
N LEU B 282 -10.19 -16.64 1.26
CA LEU B 282 -10.67 -15.28 1.45
C LEU B 282 -12.07 -15.23 2.04
N GLY B 283 -12.59 -16.37 2.48
CA GLY B 283 -13.91 -16.43 3.11
C GLY B 283 -14.97 -17.06 2.23
N GLU B 284 -14.65 -17.45 1.00
CA GLU B 284 -15.59 -18.18 0.17
C GLU B 284 -15.94 -19.53 0.81
N ASN B 285 -17.12 -20.03 0.48
CA ASN B 285 -17.48 -21.38 0.89
C ASN B 285 -17.54 -22.31 -0.31
N ASP B 286 -17.64 -23.61 -0.02
CA ASP B 286 -17.55 -24.62 -1.07
C ASP B 286 -18.67 -24.50 -2.10
N GLU B 287 -19.87 -24.16 -1.64
CA GLU B 287 -21.00 -23.94 -2.54
C GLU B 287 -20.69 -22.85 -3.55
N GLN B 288 -20.08 -21.75 -3.09
CA GLN B 288 -19.75 -20.64 -3.97
C GLN B 288 -18.64 -21.02 -4.95
N VAL B 289 -17.66 -21.80 -4.51
CA VAL B 289 -16.59 -22.20 -5.42
C VAL B 289 -17.14 -23.10 -6.52
N TYR B 290 -17.94 -24.10 -6.17
CA TYR B 290 -18.50 -24.98 -7.18
C TYR B 290 -19.38 -24.21 -8.16
N ALA B 291 -20.22 -23.31 -7.66
CA ALA B 291 -21.07 -22.51 -8.54
C ALA B 291 -20.22 -21.66 -9.49
N THR B 292 -19.08 -21.18 -9.03
CA THR B 292 -18.20 -20.36 -9.87
C THR B 292 -17.56 -21.21 -10.95
N MET B 293 -17.15 -22.43 -10.60
CA MET B 293 -16.56 -23.33 -11.60
C MET B 293 -17.59 -23.68 -12.67
N LYS B 294 -18.84 -23.90 -12.27
CA LYS B 294 -19.91 -24.16 -13.23
C LYS B 294 -20.13 -22.96 -14.15
N ALA B 295 -20.17 -21.76 -13.58
CA ALA B 295 -20.35 -20.55 -14.39
C ALA B 295 -19.21 -20.37 -15.39
N LEU B 296 -17.97 -20.66 -14.96
CA LEU B 296 -16.83 -20.56 -15.87
C LEU B 296 -17.00 -21.48 -17.08
N ARG B 297 -17.49 -22.70 -16.86
CA ARG B 297 -17.68 -23.60 -18.00
C ARG B 297 -18.73 -23.04 -18.98
N GLU B 298 -19.77 -22.38 -18.47
CA GLU B 298 -20.76 -21.78 -19.36
C GLU B 298 -20.18 -20.61 -20.15
N ALA B 299 -19.13 -19.98 -19.65
CA ALA B 299 -18.40 -18.95 -20.37
C ALA B 299 -17.32 -19.55 -21.27
N ASP B 300 -17.38 -20.87 -21.51
CA ASP B 300 -16.48 -21.57 -22.40
C ASP B 300 -15.04 -21.52 -21.95
N VAL B 301 -14.79 -21.31 -20.66
CA VAL B 301 -13.42 -21.22 -20.16
C VAL B 301 -12.79 -22.61 -20.18
N ASP B 302 -11.65 -22.73 -20.85
CA ASP B 302 -10.99 -24.03 -21.01
C ASP B 302 -10.28 -24.48 -19.74
N CYS B 303 -9.59 -23.57 -19.06
CA CYS B 303 -8.59 -23.93 -18.05
C CYS B 303 -8.77 -23.13 -16.77
N LEU B 304 -8.42 -23.75 -15.64
CA LEU B 304 -8.62 -23.16 -14.33
C LEU B 304 -7.40 -23.44 -13.45
N THR B 305 -6.99 -22.44 -12.67
CA THR B 305 -6.07 -22.71 -11.56
C THR B 305 -6.68 -22.24 -10.25
N LEU B 306 -6.37 -22.96 -9.18
CA LEU B 306 -6.78 -22.61 -7.83
C LEU B 306 -5.57 -22.64 -6.92
N GLY B 307 -5.43 -21.62 -6.06
CA GLY B 307 -4.31 -21.54 -5.14
C GLY B 307 -4.72 -20.83 -3.86
N GLN B 308 -3.79 -20.83 -2.89
CA GLN B 308 -4.05 -20.20 -1.59
C GLN B 308 -3.71 -18.72 -1.63
N TYR B 309 -4.64 -17.87 -1.16
CA TYR B 309 -4.30 -16.48 -0.88
C TYR B 309 -3.30 -16.40 0.28
N MET B 310 -2.22 -15.65 0.08
CA MET B 310 -1.24 -15.37 1.13
C MET B 310 -1.14 -13.87 1.34
N GLN B 311 -1.28 -13.44 2.60
CA GLN B 311 -1.33 -12.00 2.90
C GLN B 311 0.06 -11.38 2.77
N PRO B 312 0.26 -10.41 1.86
CA PRO B 312 1.63 -9.90 1.66
C PRO B 312 2.12 -9.01 2.80
N THR B 313 1.28 -8.12 3.32
CA THR B 313 1.65 -7.26 4.44
C THR B 313 0.48 -7.16 5.40
N ARG B 314 0.77 -6.65 6.61
CA ARG B 314 -0.28 -6.45 7.61
C ARG B 314 -1.42 -5.58 7.11
N ARG B 315 -1.17 -4.71 6.13
CA ARG B 315 -2.20 -3.81 5.62
C ARG B 315 -3.17 -4.51 4.68
N HIS B 316 -2.78 -5.62 4.08
CA HIS B 316 -3.63 -6.34 3.14
C HIS B 316 -4.69 -7.17 3.86
N LEU B 317 -5.59 -7.76 3.08
CA LEU B 317 -6.64 -8.61 3.63
C LEU B 317 -6.04 -9.73 4.47
N LYS B 318 -6.64 -10.01 5.62
CA LYS B 318 -6.21 -11.17 6.38
C LYS B 318 -6.64 -12.45 5.67
N VAL B 319 -5.88 -13.51 5.91
CA VAL B 319 -6.26 -14.85 5.44
C VAL B 319 -7.37 -15.37 6.33
N GLU B 320 -8.51 -15.72 5.73
CA GLU B 320 -9.62 -16.27 6.50
C GLU B 320 -9.42 -17.73 6.85
N GLU B 321 -8.77 -18.51 5.98
CA GLU B 321 -8.47 -19.89 6.29
CA GLU B 321 -8.54 -19.92 6.24
C GLU B 321 -7.39 -20.40 5.36
N TYR B 322 -6.63 -21.37 5.86
CA TYR B 322 -5.59 -22.03 5.06
C TYR B 322 -6.16 -23.36 4.56
N ILE B 323 -6.43 -23.42 3.25
CA ILE B 323 -7.05 -24.60 2.66
C ILE B 323 -6.05 -25.74 2.63
N THR B 324 -6.50 -26.94 3.01
CA THR B 324 -5.58 -28.06 3.12
C THR B 324 -5.11 -28.56 1.76
N PRO B 325 -3.92 -29.17 1.70
CA PRO B 325 -3.47 -29.80 0.45
C PRO B 325 -4.48 -30.80 -0.10
N GLU B 326 -5.14 -31.59 0.75
CA GLU B 326 -6.11 -32.55 0.25
CA GLU B 326 -6.11 -32.56 0.24
C GLU B 326 -7.33 -31.86 -0.36
N LYS B 327 -7.71 -30.70 0.18
CA LYS B 327 -8.87 -30.00 -0.37
C LYS B 327 -8.57 -29.44 -1.76
N PHE B 328 -7.34 -28.97 -2.00
CA PHE B 328 -6.97 -28.57 -3.35
C PHE B 328 -6.98 -29.76 -4.31
N LYS B 329 -6.64 -30.96 -3.85
CA LYS B 329 -6.74 -32.14 -4.71
C LYS B 329 -8.18 -32.41 -5.09
N TYR B 330 -9.11 -32.19 -4.16
CA TYR B 330 -10.52 -32.33 -4.50
C TYR B 330 -10.92 -31.35 -5.60
N TRP B 331 -10.56 -30.08 -5.47
CA TRP B 331 -10.96 -29.12 -6.50
C TRP B 331 -10.35 -29.45 -7.85
N GLU B 332 -9.17 -30.06 -7.86
CA GLU B 332 -8.62 -30.55 -9.13
C GLU B 332 -9.51 -31.63 -9.73
N LYS B 333 -9.98 -32.57 -8.91
CA LYS B 333 -10.90 -33.60 -9.38
C LYS B 333 -12.17 -32.99 -9.94
N VAL B 334 -12.72 -32.00 -9.24
CA VAL B 334 -13.93 -31.32 -9.71
C VAL B 334 -13.69 -30.66 -11.06
N GLY B 335 -12.54 -29.99 -11.22
CA GLY B 335 -12.22 -29.38 -12.51
C GLY B 335 -12.22 -30.41 -13.63
N ASN B 336 -11.61 -31.57 -13.39
CA ASN B 336 -11.68 -32.67 -14.35
C ASN B 336 -13.11 -33.11 -14.58
N GLU B 337 -13.91 -33.25 -13.51
CA GLU B 337 -15.29 -33.72 -13.61
C GLU B 337 -16.15 -32.79 -14.46
N LEU B 338 -15.87 -31.49 -14.42
CA LEU B 338 -16.64 -30.51 -15.17
C LEU B 338 -16.18 -30.35 -16.61
N GLY B 339 -15.10 -31.03 -17.00
CA GLY B 339 -14.63 -30.97 -18.37
C GLY B 339 -13.63 -29.88 -18.69
N PHE B 340 -13.02 -29.26 -17.68
CA PHE B 340 -11.94 -28.32 -17.97
C PHE B 340 -10.82 -29.06 -18.68
N HIS B 341 -10.24 -28.39 -19.68
CA HIS B 341 -9.10 -28.94 -20.43
C HIS B 341 -7.96 -29.32 -19.48
N TYR B 342 -7.60 -28.42 -18.56
CA TYR B 342 -6.76 -28.83 -17.45
C TYR B 342 -7.00 -27.89 -16.27
N THR B 343 -6.75 -28.42 -15.08
CA THR B 343 -6.95 -27.71 -13.82
C THR B 343 -5.69 -27.87 -13.00
N ALA B 344 -5.05 -26.75 -12.64
CA ALA B 344 -3.90 -26.75 -11.75
C ALA B 344 -4.39 -26.29 -10.38
N SER B 345 -4.18 -27.11 -9.35
CA SER B 345 -4.78 -26.81 -8.05
C SER B 345 -3.82 -27.25 -6.95
N GLY B 346 -3.50 -26.32 -6.05
CA GLY B 346 -2.60 -26.59 -4.96
C GLY B 346 -2.30 -25.31 -4.22
N PRO B 347 -1.81 -25.41 -2.97
CA PRO B 347 -1.63 -24.19 -2.17
C PRO B 347 -0.72 -23.17 -2.83
N LEU B 348 0.39 -23.59 -3.45
CA LEU B 348 1.34 -22.67 -4.06
C LEU B 348 1.05 -22.40 -5.54
N VAL B 349 -0.02 -22.99 -6.10
CA VAL B 349 -0.32 -22.79 -7.51
C VAL B 349 -0.75 -21.34 -7.76
N ARG B 350 -0.20 -20.76 -8.83
CA ARG B 350 -0.58 -19.45 -9.36
C ARG B 350 -0.83 -19.59 -10.85
N SER B 351 -1.44 -18.56 -11.45
CA SER B 351 -1.83 -18.63 -12.86
C SER B 351 -0.69 -19.09 -13.76
N SER B 352 0.50 -18.55 -13.58
CA SER B 352 1.63 -18.86 -14.45
C SER B 352 2.47 -20.04 -13.99
N TYR B 353 2.16 -20.64 -12.82
CA TYR B 353 3.01 -21.70 -12.28
C TYR B 353 3.04 -22.92 -13.19
N LYS B 354 4.22 -23.26 -13.69
CA LYS B 354 4.39 -24.35 -14.66
C LYS B 354 3.39 -24.24 -15.82
N ALA B 355 3.06 -23.02 -16.21
CA ALA B 355 2.01 -22.83 -17.22
C ALA B 355 2.35 -23.55 -18.51
N GLY B 356 3.61 -23.46 -18.95
CA GLY B 356 4.01 -24.13 -20.17
C GLY B 356 3.96 -25.65 -20.05
N GLU B 357 4.41 -26.18 -18.91
CA GLU B 357 4.34 -27.62 -18.72
C GLU B 357 2.90 -28.12 -18.77
N PHE B 358 1.98 -27.41 -18.12
CA PHE B 358 0.57 -27.79 -18.18
C PHE B 358 0.05 -27.75 -19.61
N PHE B 359 0.35 -26.67 -20.34
CA PHE B 359 -0.10 -26.58 -21.73
C PHE B 359 0.48 -27.69 -22.57
N LEU B 360 1.79 -27.92 -22.46
CA LEU B 360 2.46 -28.83 -23.39
C LEU B 360 2.10 -30.29 -23.12
N LYS B 361 1.85 -30.66 -21.86
CA LYS B 361 1.48 -32.03 -21.53
C LYS B 361 0.03 -32.35 -21.87
N ASN B 362 -0.79 -31.33 -22.16
CA ASN B 362 -2.15 -31.53 -22.60
C ASN B 362 -2.32 -31.24 -24.09
N LEU B 363 -1.22 -31.04 -24.80
CA LEU B 363 -1.25 -30.79 -26.23
C LEU B 363 -1.12 -32.12 -26.95
N VAL B 364 -2.00 -32.37 -27.92
CA VAL B 364 -1.99 -33.65 -28.63
C VAL B 364 -0.85 -33.70 -29.64
FE1 SF4 C . 2.70 21.09 7.16
FE2 SF4 C . 2.81 18.42 8.07
FE3 SF4 C . 4.79 19.44 6.53
FE4 SF4 C . 2.34 18.97 5.50
S1 SF4 C . 3.86 17.42 6.34
S2 SF4 C . 3.59 20.82 5.10
S3 SF4 C . 0.99 19.52 7.20
S4 SF4 C . 4.23 20.17 8.61
FE1 SF4 D . 0.18 3.33 11.54
FE2 SF4 D . 2.85 3.02 11.07
FE3 SF4 D . 1.96 5.41 12.28
FE4 SF4 D . 1.41 4.79 9.61
S1 SF4 D . 3.44 5.17 10.55
S2 SF4 D . -0.05 5.61 11.20
S3 SF4 D . 1.16 2.50 9.64
S4 SF4 D . 1.81 3.23 13.10
N MET E . 3.80 6.04 13.76
CA MET E . 3.28 6.81 14.88
C MET E . 1.83 6.45 15.20
O MET E . 1.01 6.08 14.35
CB MET E . 3.39 8.32 14.58
CG MET E . 2.30 8.90 13.71
SD MET E . 2.19 8.23 12.03
CE MET E . 3.77 8.77 11.36
OXT MET E . 1.44 6.54 16.36
FE1 SF4 F . 4.32 -17.43 -11.74
FE2 SF4 F . 6.58 -16.10 -11.30
FE3 SF4 F . 6.53 -18.81 -10.93
FE4 SF4 F . 5.23 -17.17 -9.20
S1 SF4 F . 7.51 -17.26 -9.56
S2 SF4 F . 4.40 -19.07 -10.14
S3 SF4 F . 4.54 -15.47 -10.53
S4 SF4 F . 6.25 -17.68 -12.90
N1 5AD G . -1.68 -14.62 -2.85
C2 5AD G . -2.05 -15.52 -3.77
N3 5AD G . -2.20 -15.33 -5.08
C4 5AD G . -1.92 -14.09 -5.47
N9 5AD G . -1.96 -13.53 -6.73
C8 5AD G . -1.59 -12.21 -6.57
N7 5AD G . -1.31 -11.88 -5.34
C5 5AD G . -1.52 -13.05 -4.63
C6 5AD G . -1.40 -13.36 -3.25
N6 5AD G . -1.03 -12.44 -2.37
C1' 5AD G . -2.35 -14.18 -7.98
C2' 5AD G . -3.71 -13.64 -8.43
C3' 5AD G . -3.31 -12.63 -9.52
C4' 5AD G . -2.07 -13.29 -10.12
C5' 5AD G . -1.20 -12.27 -10.81
O4' 5AD G . -1.42 -13.91 -8.98
O2' 5AD G . -4.50 -14.70 -8.89
O3' 5AD G . -4.30 -12.37 -10.47
N LYS H . 6.55 -14.12 -0.64
CA LYS H . 5.62 -14.39 0.46
C LYS H . 5.99 -15.68 1.19
O LYS H . 6.82 -16.45 0.73
CB LYS H . 4.18 -14.47 -0.06
CG LYS H . 3.31 -13.27 0.28
CD LYS H . 2.71 -12.66 -1.00
CE LYS H . 2.10 -13.73 -1.90
NZ LYS H . 1.96 -13.26 -3.31
C1 OCA I . 1.71 -14.28 -4.28
C2 OCA I . 1.91 -13.77 -5.72
C3 OCA I . 1.65 -14.78 -6.82
C4 OCA I . 1.95 -14.15 -8.16
C5 OCA I . 1.39 -14.91 -9.36
C6 OCA I . 1.55 -14.03 -10.60
C7 OCA I . 1.41 -14.72 -11.94
C8 OCA I . 0.35 -15.78 -11.90
O1 OCA I . 1.32 -15.46 -4.16
FE1 SF4 J . -5.28 -5.65 -9.07
FE2 SF4 J . -3.31 -4.15 -10.24
FE3 SF4 J . -3.78 -6.78 -11.18
FE4 SF4 J . -2.66 -6.22 -8.64
S1 SF4 J . -1.72 -5.75 -10.64
S2 SF4 J . -4.30 -7.73 -9.18
S3 SF4 J . -3.77 -4.30 -8.01
S4 SF4 J . -5.22 -4.98 -11.25
N MET K . -3.30 -6.56 -13.65
CA MET K . -4.05 -7.63 -14.32
C MET K . -5.36 -7.97 -13.62
O MET K . -6.36 -8.31 -14.26
CB MET K . -3.19 -8.89 -14.46
CG MET K . -3.16 -9.81 -13.25
SD MET K . -2.40 -9.10 -11.77
CE MET K . -0.73 -8.80 -12.35
OXT MET K . -5.47 -7.96 -12.40
#